data_8RZC
#
_entry.id   8RZC
#
_cell.length_a   168.202
_cell.length_b   168.202
_cell.length_c   51.991
_cell.angle_alpha   90.000
_cell.angle_beta   90.000
_cell.angle_gamma   120.000
#
_symmetry.space_group_name_H-M   'P 31 2 1'
#
loop_
_entity.id
_entity.type
_entity.pdbx_description
1 polymer "2'-O-methyltransferase nsp16"
2 polymer 'Non-structural protein 10'
3 non-polymer '2-(N-MORPHOLINO)-ETHANESULFONIC ACID'
4 non-polymer '3-[[(2S,3S,4R,5R)-5-(6-aminopurin-9-yl)-3,4-bis(oxidanyl)oxolan-2-yl]methylsulfanylmethyl]-5-imidazol-1-yl-benzoic acid'
5 non-polymer 'ZINC ION'
6 water water
#
loop_
_entity_poly.entity_id
_entity_poly.type
_entity_poly.pdbx_seq_one_letter_code
_entity_poly.pdbx_strand_id
1 'polypeptide(L)'
;GSMASSQAWQPGVAMPNLYKMQRMLLEKCDLQNYGDSATLPKGIMMNVAKYTQLCQYLNTLTLAVPYNMRVIHFGAGSDK
GVAPGTAVLRQWLPTGTLLVDSDLNDFVSDADSTLIGDCATVHTANKWDLIISDMYDPKTKNVTKENDSKEGFFTYICGF
IQQKLALGGSVAIKITEHSWNADLYKLMGHFAWWTAFVTNVNASSSEAFLIGCNYLGKPREQIDGYVMHANYIFWRNTNP
IQLSSYSLFDMSKFPLKLRGTAVMSLKEGQINDMILSLLSKGRLIIRENNRVVISSDVLVNN
;
A
2 'polypeptide(L)'
;GSMAGNATEVPANSTVLSFCAFAVDAAKAYKDYLASGGQPITNCVKMLCTHTGTGQAITVTPEANMDQESFGGASCCLYC
RCHIDHPNPKGFCDLKGKYVQIPTTCANDPVGFTLKNTVCTVCGMWKGYGCSCDQLREPMLQ
;
B
#
# COMPACT_ATOMS: atom_id res chain seq x y z
N SER A 6 -16.10 22.26 2.12
CA SER A 6 -14.71 22.02 2.46
C SER A 6 -14.35 20.54 2.24
N GLN A 7 -13.13 20.33 1.73
CA GLN A 7 -12.62 19.01 1.44
C GLN A 7 -11.87 18.39 2.62
N ALA A 8 -11.92 18.99 3.81
CA ALA A 8 -11.19 18.47 4.95
C ALA A 8 -11.74 17.13 5.42
N TRP A 9 -12.98 16.80 5.03
CA TRP A 9 -13.58 15.54 5.42
C TRP A 9 -13.41 14.46 4.37
N GLN A 10 -12.82 14.79 3.21
CA GLN A 10 -12.44 13.77 2.24
C GLN A 10 -11.16 13.09 2.67
N PRO A 11 -10.83 11.92 2.09
CA PRO A 11 -9.47 11.38 2.31
C PRO A 11 -8.37 12.24 1.69
N GLY A 12 -8.69 13.04 0.67
CA GLY A 12 -7.68 13.88 0.04
C GLY A 12 -8.34 14.64 -1.10
N VAL A 13 -7.52 15.22 -1.98
CA VAL A 13 -8.02 16.07 -3.05
C VAL A 13 -7.44 15.59 -4.36
N ALA A 14 -8.31 15.34 -5.34
CA ALA A 14 -7.88 14.99 -6.68
C ALA A 14 -7.76 16.25 -7.53
N MET A 15 -6.81 16.23 -8.46
CA MET A 15 -6.56 17.33 -9.37
C MET A 15 -7.81 17.64 -10.20
N PRO A 16 -8.40 18.82 -10.10
CA PRO A 16 -9.60 19.14 -10.89
C PRO A 16 -9.33 19.12 -12.40
N ASN A 17 -10.34 18.67 -13.15
CA ASN A 17 -10.19 18.44 -14.59
C ASN A 17 -9.75 19.69 -15.32
N LEU A 18 -10.25 20.86 -14.91
CA LEU A 18 -9.87 22.09 -15.58
C LEU A 18 -8.37 22.35 -15.49
N TYR A 19 -7.72 21.92 -14.39
CA TYR A 19 -6.27 22.07 -14.30
C TYR A 19 -5.56 21.13 -15.26
N LYS A 20 -6.13 19.95 -15.53
CA LYS A 20 -5.52 19.04 -16.48
C LYS A 20 -5.49 19.63 -17.89
N MET A 21 -6.46 20.48 -18.23
CA MET A 21 -6.60 21.00 -19.59
C MET A 21 -5.75 22.23 -19.84
N GLN A 22 -4.89 22.64 -18.91
CA GLN A 22 -4.11 23.86 -19.12
C GLN A 22 -2.85 23.56 -19.94
N ARG A 23 -2.06 24.60 -20.17
CA ARG A 23 -0.73 24.49 -20.79
C ARG A 23 0.26 25.36 -20.02
N MET A 24 0.34 25.16 -18.72
CA MET A 24 1.24 25.93 -17.87
C MET A 24 2.70 25.58 -18.17
N LEU A 25 3.59 26.47 -17.76
CA LEU A 25 5.01 26.16 -17.76
C LEU A 25 5.44 25.79 -16.36
N LEU A 26 6.54 25.04 -16.26
CA LEU A 26 6.94 24.46 -15.00
C LEU A 26 7.57 25.54 -14.11
N GLU A 27 7.00 25.73 -12.93
CA GLU A 27 7.59 26.58 -11.91
C GLU A 27 8.02 25.73 -10.72
N LYS A 28 8.80 26.34 -9.84
CA LYS A 28 9.10 25.72 -8.56
C LYS A 28 7.83 25.56 -7.74
N CYS A 29 7.74 24.45 -7.01
CA CYS A 29 6.58 24.20 -6.17
C CYS A 29 6.81 24.89 -4.84
N ASP A 30 5.89 25.75 -4.45
CA ASP A 30 5.98 26.47 -3.18
C ASP A 30 4.65 26.33 -2.46
N LEU A 31 4.55 25.36 -1.57
CA LEU A 31 3.29 25.04 -0.91
C LEU A 31 3.04 25.99 0.26
N GLN A 32 1.80 26.47 0.36
CA GLN A 32 1.45 27.38 1.46
C GLN A 32 1.60 26.69 2.81
N ASN A 33 1.02 25.50 2.94
CA ASN A 33 1.02 24.72 4.17
C ASN A 33 2.29 23.88 4.32
N TYR A 34 3.37 24.29 3.65
CA TYR A 34 4.64 23.57 3.68
C TYR A 34 5.06 23.16 5.10
N GLY A 35 4.99 24.07 6.05
CA GLY A 35 5.46 23.77 7.39
C GLY A 35 4.55 22.87 8.21
N ASP A 36 3.24 22.90 7.95
CA ASP A 36 2.26 22.28 8.83
C ASP A 36 2.35 20.74 8.78
N SER A 37 1.70 20.12 9.77
CA SER A 37 1.51 18.68 9.86
C SER A 37 0.11 18.41 10.41
N ALA A 38 -0.49 17.32 9.95
CA ALA A 38 -1.76 16.89 10.51
C ALA A 38 -1.52 16.15 11.82
N THR A 39 -2.44 16.28 12.76
CA THR A 39 -2.34 15.50 13.98
C THR A 39 -2.94 14.13 13.69
N LEU A 40 -2.11 13.13 13.69
CA LEU A 40 -2.51 11.75 13.48
C LEU A 40 -3.14 11.19 14.75
N PRO A 41 -4.09 10.25 14.61
CA PRO A 41 -4.58 9.54 15.79
C PRO A 41 -3.40 8.96 16.56
N LYS A 42 -3.61 8.79 17.87
CA LYS A 42 -2.53 8.35 18.77
C LYS A 42 -1.85 7.09 18.26
N GLY A 43 -0.52 7.16 18.12
CA GLY A 43 0.28 6.01 17.72
C GLY A 43 0.09 5.52 16.29
N ILE A 44 -0.46 6.33 15.38
CA ILE A 44 -0.59 5.93 13.99
C ILE A 44 0.55 6.54 13.17
N MET A 45 1.25 5.69 12.40
CA MET A 45 2.33 6.11 11.48
C MET A 45 1.77 6.91 10.30
N MET A 46 2.60 7.84 9.79
CA MET A 46 2.25 8.55 8.56
C MET A 46 1.99 7.59 7.40
N ASN A 47 2.80 6.53 7.27
CA ASN A 47 2.58 5.63 6.13
C ASN A 47 1.27 4.87 6.25
N VAL A 48 0.79 4.60 7.46
CA VAL A 48 -0.50 3.93 7.58
C VAL A 48 -1.62 4.90 7.22
N ALA A 49 -1.60 6.10 7.82
CA ALA A 49 -2.57 7.12 7.50
C ALA A 49 -2.60 7.40 6.02
N LYS A 50 -1.42 7.51 5.39
CA LYS A 50 -1.34 7.87 3.99
C LYS A 50 -1.95 6.79 3.10
N TYR A 51 -1.58 5.53 3.32
CA TYR A 51 -2.17 4.49 2.47
C TYR A 51 -3.66 4.31 2.73
N THR A 52 -4.09 4.50 3.99
CA THR A 52 -5.52 4.44 4.30
C THR A 52 -6.29 5.47 3.47
N GLN A 53 -5.81 6.71 3.44
CA GLN A 53 -6.50 7.73 2.64
C GLN A 53 -6.43 7.42 1.16
N LEU A 54 -5.29 6.89 0.68
CA LEU A 54 -5.21 6.47 -0.72
C LEU A 54 -6.28 5.43 -1.04
N CYS A 55 -6.41 4.42 -0.18
CA CYS A 55 -7.42 3.39 -0.42
C CYS A 55 -8.84 3.94 -0.29
N GLN A 56 -9.08 4.85 0.67
CA GLN A 56 -10.40 5.47 0.79
C GLN A 56 -10.78 6.20 -0.50
N TYR A 57 -9.82 6.89 -1.11
CA TYR A 57 -10.09 7.53 -2.39
C TYR A 57 -10.29 6.49 -3.50
N LEU A 58 -9.48 5.43 -3.51
CA LEU A 58 -9.65 4.43 -4.56
C LEU A 58 -11.02 3.75 -4.45
N ASN A 59 -11.61 3.75 -3.25
CA ASN A 59 -12.95 3.23 -3.08
C ASN A 59 -14.00 4.00 -3.90
N THR A 60 -13.71 5.24 -4.32
CA THR A 60 -14.67 6.02 -5.10
C THR A 60 -14.48 5.87 -6.60
N LEU A 61 -13.54 5.06 -7.06
CA LEU A 61 -13.33 4.89 -8.49
C LEU A 61 -13.90 3.54 -8.94
N THR A 62 -14.01 3.38 -10.26
CA THR A 62 -14.53 2.13 -10.84
C THR A 62 -13.44 1.06 -10.98
N LEU A 63 -12.85 0.69 -9.85
CA LEU A 63 -11.84 -0.36 -9.87
C LEU A 63 -12.46 -1.71 -10.22
N ALA A 64 -11.81 -2.43 -11.12
CA ALA A 64 -12.15 -3.84 -11.33
C ALA A 64 -11.66 -4.68 -10.15
N VAL A 65 -12.55 -5.46 -9.56
CA VAL A 65 -12.21 -6.28 -8.40
C VAL A 65 -12.56 -7.75 -8.70
N PRO A 66 -11.74 -8.44 -9.49
CA PRO A 66 -12.03 -9.85 -9.80
C PRO A 66 -11.86 -10.76 -8.59
N TYR A 67 -12.46 -11.94 -8.69
CA TYR A 67 -12.04 -13.05 -7.84
C TYR A 67 -10.57 -13.33 -8.10
N ASN A 68 -9.85 -13.76 -7.08
CA ASN A 68 -8.41 -13.98 -7.21
C ASN A 68 -7.75 -12.74 -7.79
N MET A 69 -8.03 -11.60 -7.16
CA MET A 69 -7.38 -10.37 -7.55
C MET A 69 -5.88 -10.45 -7.29
N ARG A 70 -5.11 -9.82 -8.16
CA ARG A 70 -3.65 -9.85 -8.14
C ARG A 70 -3.14 -8.42 -7.97
N VAL A 71 -2.43 -8.16 -6.87
CA VAL A 71 -1.94 -6.82 -6.57
C VAL A 71 -0.45 -6.89 -6.29
N ILE A 72 0.33 -6.01 -6.91
CA ILE A 72 1.76 -5.90 -6.65
C ILE A 72 2.09 -4.49 -6.18
N HIS A 73 2.96 -4.39 -5.18
CA HIS A 73 3.24 -3.16 -4.44
C HIS A 73 4.75 -2.92 -4.45
N PHE A 74 5.21 -1.91 -5.20
CA PHE A 74 6.62 -1.59 -5.28
C PHE A 74 7.01 -0.48 -4.29
N GLY A 75 8.22 -0.56 -3.79
CA GLY A 75 8.68 0.45 -2.84
C GLY A 75 8.05 0.29 -1.47
N ALA A 76 7.93 -0.94 -0.99
CA ALA A 76 7.11 -1.23 0.17
C ALA A 76 7.86 -1.28 1.50
N GLY A 77 9.19 -1.24 1.49
CA GLY A 77 9.94 -1.30 2.73
C GLY A 77 10.06 0.08 3.38
N SER A 78 10.17 0.09 4.69
CA SER A 78 10.51 1.31 5.40
C SER A 78 11.95 1.22 5.91
N ASP A 79 12.50 2.36 6.32
CA ASP A 79 13.83 2.34 6.91
C ASP A 79 13.86 1.60 8.24
N LYS A 80 12.69 1.25 8.79
CA LYS A 80 12.64 0.46 10.00
C LYS A 80 12.34 -1.02 9.72
N GLY A 81 12.35 -1.44 8.46
CA GLY A 81 12.32 -2.86 8.14
C GLY A 81 10.96 -3.53 8.10
N VAL A 82 9.87 -2.76 8.08
CA VAL A 82 8.53 -3.32 8.00
C VAL A 82 7.80 -2.74 6.80
N ALA A 83 6.53 -3.10 6.62
CA ALA A 83 5.79 -2.71 5.42
C ALA A 83 4.41 -2.18 5.83
N PRO A 84 4.35 -0.92 6.29
CA PRO A 84 3.03 -0.39 6.71
C PRO A 84 2.05 -0.29 5.56
N GLY A 85 2.50 0.15 4.39
CA GLY A 85 1.60 0.30 3.26
C GLY A 85 1.01 -1.03 2.81
N THR A 86 1.85 -2.08 2.78
CA THR A 86 1.34 -3.42 2.49
C THR A 86 0.27 -3.84 3.50
N ALA A 87 0.52 -3.60 4.79
CA ALA A 87 -0.47 -3.95 5.82
C ALA A 87 -1.83 -3.27 5.55
N VAL A 88 -1.83 -1.98 5.16
CA VAL A 88 -3.08 -1.33 4.78
C VAL A 88 -3.68 -1.98 3.53
N LEU A 89 -2.86 -2.24 2.52
CA LEU A 89 -3.38 -2.85 1.29
C LEU A 89 -4.02 -4.19 1.58
N ARG A 90 -3.40 -4.97 2.45
CA ARG A 90 -3.92 -6.28 2.80
C ARG A 90 -5.23 -6.14 3.59
N GLN A 91 -5.33 -5.11 4.45
CA GLN A 91 -6.57 -4.80 5.13
C GLN A 91 -7.67 -4.41 4.14
N TRP A 92 -7.30 -3.66 3.11
CA TRP A 92 -8.26 -3.10 2.15
C TRP A 92 -8.73 -4.14 1.15
N LEU A 93 -7.80 -4.93 0.60
CA LEU A 93 -8.13 -5.86 -0.48
C LEU A 93 -8.99 -7.01 0.05
N PRO A 94 -9.89 -7.55 -0.78
CA PRO A 94 -10.69 -8.71 -0.35
C PRO A 94 -9.80 -9.84 0.17
N THR A 95 -10.27 -10.51 1.22
CA THR A 95 -9.59 -11.68 1.74
C THR A 95 -9.31 -12.68 0.63
N GLY A 96 -8.08 -13.19 0.61
CA GLY A 96 -7.62 -14.08 -0.42
C GLY A 96 -6.97 -13.41 -1.62
N THR A 97 -7.01 -12.07 -1.69
CA THR A 97 -6.32 -11.38 -2.77
C THR A 97 -4.82 -11.70 -2.75
N LEU A 98 -4.27 -12.07 -3.90
CA LEU A 98 -2.83 -12.33 -3.96
C LEU A 98 -2.09 -11.00 -4.00
N LEU A 99 -1.24 -10.76 -3.00
CA LEU A 99 -0.54 -9.49 -2.84
C LEU A 99 0.95 -9.76 -2.84
N VAL A 100 1.67 -9.22 -3.82
CA VAL A 100 3.12 -9.35 -3.90
C VAL A 100 3.78 -8.01 -3.61
N ASP A 101 4.89 -8.09 -2.91
CA ASP A 101 5.63 -7.01 -2.28
C ASP A 101 7.04 -6.91 -2.83
N SER A 102 7.60 -5.69 -2.88
CA SER A 102 9.01 -5.61 -3.27
C SER A 102 9.63 -4.29 -2.81
N ASP A 103 10.95 -4.31 -2.59
CA ASP A 103 11.70 -3.10 -2.28
C ASP A 103 13.21 -3.38 -2.41
N LEU A 104 13.97 -2.30 -2.61
CA LEU A 104 15.43 -2.41 -2.71
C LEU A 104 16.05 -3.00 -1.46
N ASN A 105 15.60 -2.58 -0.29
CA ASN A 105 16.19 -3.02 0.97
C ASN A 105 15.30 -4.05 1.66
N ASP A 106 15.91 -4.75 2.60
CA ASP A 106 15.25 -5.88 3.26
C ASP A 106 14.21 -5.39 4.26
N PHE A 107 13.12 -6.14 4.36
CA PHE A 107 12.02 -5.81 5.27
C PHE A 107 11.15 -7.05 5.43
N VAL A 108 10.38 -7.09 6.52
CA VAL A 108 9.40 -8.16 6.74
C VAL A 108 8.00 -7.64 6.42
N SER A 109 7.17 -8.52 5.89
CA SER A 109 5.95 -8.07 5.25
C SER A 109 4.82 -9.05 5.48
N ASP A 110 3.61 -8.52 5.46
CA ASP A 110 2.39 -9.31 5.48
C ASP A 110 1.94 -9.75 4.08
N ALA A 111 2.72 -9.46 3.06
CA ALA A 111 2.40 -9.88 1.70
C ALA A 111 2.55 -11.38 1.53
N ASP A 112 1.82 -11.93 0.56
CA ASP A 112 1.95 -13.35 0.23
C ASP A 112 3.36 -13.68 -0.27
N SER A 113 4.03 -12.74 -0.92
CA SER A 113 5.42 -12.98 -1.30
C SER A 113 6.15 -11.65 -1.42
N THR A 114 7.43 -11.64 -1.07
CA THR A 114 8.26 -10.44 -1.06
C THR A 114 9.54 -10.69 -1.86
N LEU A 115 9.88 -9.74 -2.73
CA LEU A 115 11.10 -9.77 -3.51
C LEU A 115 11.96 -8.58 -3.10
N ILE A 116 13.22 -8.83 -2.77
CA ILE A 116 14.18 -7.81 -2.38
C ILE A 116 15.12 -7.55 -3.55
N GLY A 117 15.48 -6.30 -3.78
CA GLY A 117 16.31 -5.88 -4.89
C GLY A 117 15.72 -4.69 -5.63
N ASP A 118 16.53 -4.15 -6.55
CA ASP A 118 16.05 -3.10 -7.45
C ASP A 118 14.83 -3.60 -8.22
N CYS A 119 13.85 -2.71 -8.48
CA CYS A 119 12.63 -3.20 -9.13
C CYS A 119 12.93 -3.72 -10.53
N ALA A 120 14.00 -3.23 -11.15
CA ALA A 120 14.36 -3.68 -12.49
C ALA A 120 14.71 -5.16 -12.53
N THR A 121 15.08 -5.76 -11.40
CA THR A 121 15.31 -7.20 -11.32
C THR A 121 14.03 -8.01 -11.13
N VAL A 122 12.85 -7.39 -11.00
CA VAL A 122 11.61 -8.12 -10.76
C VAL A 122 10.94 -8.50 -12.08
N HIS A 123 10.63 -9.79 -12.24
CA HIS A 123 9.90 -10.29 -13.39
C HIS A 123 8.73 -11.15 -12.91
N THR A 124 7.61 -11.03 -13.61
CA THR A 124 6.45 -11.85 -13.28
C THR A 124 5.93 -12.47 -14.56
N ALA A 125 5.44 -13.69 -14.45
CA ALA A 125 4.89 -14.35 -15.63
C ALA A 125 3.51 -13.77 -15.93
N ASN A 126 2.67 -13.66 -14.91
CA ASN A 126 1.28 -13.23 -15.00
C ASN A 126 1.17 -11.70 -15.13
N LYS A 127 -0.03 -11.26 -15.50
CA LYS A 127 -0.42 -9.85 -15.45
C LYS A 127 -1.10 -9.54 -14.12
N TRP A 128 -1.30 -8.24 -13.84
CA TRP A 128 -1.78 -7.79 -12.53
C TRP A 128 -3.03 -6.93 -12.68
N ASP A 129 -3.80 -6.90 -11.60
CA ASP A 129 -5.02 -6.10 -11.59
C ASP A 129 -4.79 -4.71 -11.01
N LEU A 130 -3.79 -4.56 -10.15
CA LEU A 130 -3.58 -3.28 -9.48
C LEU A 130 -2.10 -3.17 -9.18
N ILE A 131 -1.50 -2.05 -9.56
CA ILE A 131 -0.09 -1.77 -9.31
C ILE A 131 -0.01 -0.56 -8.40
N ILE A 132 0.68 -0.72 -7.27
CA ILE A 132 0.88 0.36 -6.31
C ILE A 132 2.38 0.60 -6.21
N SER A 133 2.80 1.87 -6.29
CA SER A 133 4.20 2.25 -6.15
C SER A 133 4.37 3.44 -5.23
N ASP A 134 5.24 3.27 -4.24
CA ASP A 134 5.72 4.31 -3.35
C ASP A 134 7.20 4.58 -3.58
N MET A 135 7.77 4.06 -4.66
CA MET A 135 9.19 4.26 -4.91
C MET A 135 9.49 5.74 -5.05
N TYR A 136 10.60 6.16 -4.47
CA TYR A 136 11.02 7.55 -4.41
C TYR A 136 12.51 7.59 -4.10
N ASP A 137 13.27 8.31 -4.90
CA ASP A 137 14.69 8.52 -4.64
C ASP A 137 14.87 9.91 -4.05
N PRO A 138 15.34 10.05 -2.82
CA PRO A 138 15.45 11.41 -2.23
C PRO A 138 16.48 12.27 -2.91
N LYS A 139 17.45 11.66 -3.60
CA LYS A 139 18.46 12.39 -4.37
C LYS A 139 17.88 13.17 -5.55
N THR A 140 16.57 13.12 -5.79
CA THR A 140 15.97 13.92 -6.84
C THR A 140 15.54 15.30 -6.37
N LYS A 141 15.39 15.50 -5.05
CA LYS A 141 15.05 16.82 -4.49
C LYS A 141 16.29 17.74 -4.47
N ASN A 142 16.87 17.96 -5.65
CA ASN A 142 17.92 18.95 -5.81
C ASN A 142 17.29 20.23 -6.37
N VAL A 143 17.14 21.24 -5.50
CA VAL A 143 16.50 22.50 -5.88
C VAL A 143 17.37 23.39 -6.74
N THR A 144 18.61 23.00 -7.04
CA THR A 144 19.59 23.86 -7.69
C THR A 144 19.83 23.52 -9.15
N LYS A 145 19.12 22.53 -9.71
CA LYS A 145 19.22 22.27 -11.14
C LYS A 145 17.80 22.10 -11.68
N GLU A 146 17.68 22.26 -13.00
CA GLU A 146 16.39 22.16 -13.67
C GLU A 146 15.70 20.86 -13.27
N ASN A 147 14.39 20.93 -13.21
CA ASN A 147 13.55 19.79 -12.86
C ASN A 147 13.13 19.13 -14.17
N ASP A 148 13.93 18.19 -14.67
CA ASP A 148 13.53 17.47 -15.87
C ASP A 148 12.93 16.12 -15.51
N SER A 149 12.30 15.50 -16.51
CA SER A 149 11.73 14.17 -16.35
C SER A 149 12.82 13.19 -15.92
N LYS A 150 12.54 12.41 -14.89
CA LYS A 150 13.49 11.47 -14.30
C LYS A 150 13.29 10.08 -14.89
N GLU A 151 14.37 9.29 -14.94
CA GLU A 151 14.09 7.92 -15.35
C GLU A 151 14.15 6.90 -14.23
N GLY A 152 15.35 6.40 -13.92
CA GLY A 152 15.48 5.34 -12.94
C GLY A 152 14.32 4.35 -12.92
N PHE A 153 13.71 4.18 -11.75
CA PHE A 153 12.60 3.24 -11.55
C PHE A 153 11.36 3.60 -12.38
N PHE A 154 11.18 4.87 -12.77
CA PHE A 154 10.03 5.22 -13.60
C PHE A 154 10.08 4.52 -14.96
N THR A 155 11.28 4.32 -15.52
CA THR A 155 11.37 3.61 -16.79
C THR A 155 10.86 2.18 -16.64
N TYR A 156 11.27 1.50 -15.57
CA TYR A 156 10.75 0.18 -15.29
C TYR A 156 9.23 0.20 -15.17
N ILE A 157 8.69 1.17 -14.43
CA ILE A 157 7.26 1.23 -14.14
C ILE A 157 6.45 1.39 -15.42
N CYS A 158 6.88 2.31 -16.30
CA CYS A 158 6.18 2.45 -17.58
C CYS A 158 6.18 1.15 -18.35
N GLY A 159 7.33 0.47 -18.43
CA GLY A 159 7.37 -0.80 -19.14
C GLY A 159 6.51 -1.85 -18.46
N PHE A 160 6.52 -1.87 -17.12
CA PHE A 160 5.78 -2.89 -16.38
C PHE A 160 4.28 -2.73 -16.60
N ILE A 161 3.81 -1.48 -16.63
CA ILE A 161 2.40 -1.21 -16.89
C ILE A 161 2.02 -1.70 -18.28
N GLN A 162 2.84 -1.35 -19.26
CA GLN A 162 2.53 -1.71 -20.65
C GLN A 162 2.55 -3.22 -20.85
N GLN A 163 3.48 -3.92 -20.22
CA GLN A 163 3.61 -5.37 -20.45
C GLN A 163 2.82 -6.24 -19.48
N LYS A 164 2.56 -5.78 -18.24
CA LYS A 164 2.07 -6.68 -17.20
C LYS A 164 0.84 -6.17 -16.46
N LEU A 165 0.20 -5.10 -16.90
CA LEU A 165 -1.07 -4.67 -16.32
C LEU A 165 -2.22 -5.19 -17.17
N ALA A 166 -3.13 -5.93 -16.55
CA ALA A 166 -4.29 -6.43 -17.28
C ALA A 166 -5.12 -5.26 -17.80
N LEU A 167 -5.74 -5.44 -18.98
CA LEU A 167 -6.72 -4.47 -19.43
C LEU A 167 -7.82 -4.37 -18.39
N GLY A 168 -8.20 -3.14 -18.07
CA GLY A 168 -9.15 -2.90 -17.01
C GLY A 168 -8.51 -2.69 -15.66
N GLY A 169 -7.24 -3.04 -15.49
CA GLY A 169 -6.59 -2.86 -14.20
C GLY A 169 -6.25 -1.40 -13.94
N SER A 170 -5.75 -1.13 -12.74
CA SER A 170 -5.53 0.23 -12.32
C SER A 170 -4.16 0.37 -11.65
N VAL A 171 -3.76 1.62 -11.45
CA VAL A 171 -2.40 1.99 -11.07
C VAL A 171 -2.43 3.19 -10.13
N ALA A 172 -1.53 3.22 -9.14
CA ALA A 172 -1.30 4.42 -8.33
C ALA A 172 0.19 4.53 -8.04
N ILE A 173 0.84 5.54 -8.63
CA ILE A 173 2.29 5.67 -8.62
C ILE A 173 2.63 7.00 -7.94
N LYS A 174 3.39 6.93 -6.85
CA LYS A 174 3.80 8.14 -6.16
C LYS A 174 4.70 9.00 -7.03
N ILE A 175 4.40 10.30 -7.05
CA ILE A 175 5.26 11.30 -7.64
C ILE A 175 5.42 12.42 -6.63
N THR A 176 6.38 13.31 -6.90
CA THR A 176 6.58 14.55 -6.15
C THR A 176 6.90 15.65 -7.16
N GLU A 177 7.22 16.84 -6.66
CA GLU A 177 7.69 17.90 -7.55
C GLU A 177 8.82 17.42 -8.44
N HIS A 178 9.87 16.84 -7.85
CA HIS A 178 11.07 16.44 -8.58
C HIS A 178 11.09 14.97 -8.98
N SER A 179 10.33 14.11 -8.30
CA SER A 179 10.22 12.69 -8.67
C SER A 179 9.02 12.49 -9.59
N TRP A 180 9.25 12.54 -10.89
CA TRP A 180 8.15 12.41 -11.86
C TRP A 180 8.75 11.99 -13.19
N ASN A 181 7.87 11.67 -14.14
CA ASN A 181 8.32 11.16 -15.42
C ASN A 181 7.28 11.45 -16.50
N ALA A 182 7.76 11.97 -17.64
CA ALA A 182 6.84 12.45 -18.67
C ALA A 182 6.08 11.30 -19.32
N ASP A 183 6.74 10.17 -19.54
CA ASP A 183 6.08 9.02 -20.17
C ASP A 183 4.98 8.44 -19.28
N LEU A 184 5.22 8.42 -17.97
CA LEU A 184 4.19 7.96 -17.04
C LEU A 184 2.93 8.81 -17.17
N TYR A 185 3.07 10.14 -17.17
CA TYR A 185 1.92 11.00 -17.45
C TYR A 185 1.29 10.67 -18.80
N LYS A 186 2.12 10.49 -19.83
CA LYS A 186 1.61 10.12 -21.14
C LYS A 186 0.82 8.81 -21.07
N LEU A 187 1.31 7.83 -20.31
CA LEU A 187 0.57 6.58 -20.11
C LEU A 187 -0.78 6.80 -19.45
N MET A 188 -0.94 7.84 -18.63
CA MET A 188 -2.26 8.08 -18.03
C MET A 188 -3.33 8.21 -19.11
N GLY A 189 -2.98 8.75 -20.28
CA GLY A 189 -3.93 8.82 -21.38
C GLY A 189 -4.31 7.48 -21.99
N HIS A 190 -3.67 6.38 -21.55
CA HIS A 190 -4.03 5.03 -21.95
C HIS A 190 -5.01 4.38 -20.99
N PHE A 191 -5.55 5.15 -20.06
CA PHE A 191 -6.59 4.67 -19.16
C PHE A 191 -7.90 5.40 -19.48
N ALA A 192 -9.02 4.78 -19.07
CA ALA A 192 -10.32 5.44 -19.22
C ALA A 192 -10.38 6.75 -18.45
N TRP A 193 -9.61 6.88 -17.38
CA TRP A 193 -9.61 8.08 -16.55
C TRP A 193 -8.32 8.11 -15.73
N TRP A 194 -7.92 9.30 -15.31
CA TRP A 194 -6.68 9.48 -14.54
C TRP A 194 -6.81 10.74 -13.69
N THR A 195 -5.99 10.82 -12.65
CA THR A 195 -5.89 12.03 -11.83
C THR A 195 -4.56 12.00 -11.09
N ALA A 196 -4.26 13.10 -10.39
CA ALA A 196 -3.22 13.17 -9.38
C ALA A 196 -3.91 13.39 -8.03
N PHE A 197 -3.75 12.45 -7.11
CA PHE A 197 -4.45 12.49 -5.82
C PHE A 197 -3.48 12.80 -4.70
N VAL A 198 -3.83 13.81 -3.89
CA VAL A 198 -3.05 14.27 -2.76
C VAL A 198 -3.78 13.88 -1.49
N THR A 199 -3.14 13.05 -0.66
CA THR A 199 -3.79 12.69 0.60
C THR A 199 -3.86 13.90 1.53
N ASN A 200 -4.96 13.97 2.31
CA ASN A 200 -5.11 15.09 3.24
C ASN A 200 -4.07 15.07 4.35
N VAL A 201 -3.57 13.89 4.76
CA VAL A 201 -2.61 13.87 5.87
C VAL A 201 -1.24 14.33 5.43
N ASN A 202 -0.93 14.29 4.13
CA ASN A 202 0.40 14.69 3.65
C ASN A 202 0.31 15.88 2.70
N ALA A 203 -0.77 16.66 2.79
CA ALA A 203 -1.05 17.73 1.84
C ALA A 203 -0.03 18.87 1.89
N SER A 204 0.84 18.89 2.90
CA SER A 204 1.94 19.84 2.97
C SER A 204 3.11 19.44 2.09
N SER A 205 3.08 18.26 1.47
CA SER A 205 4.14 17.79 0.61
C SER A 205 3.69 17.84 -0.85
N SER A 206 4.65 18.01 -1.76
CA SER A 206 4.25 17.98 -3.16
C SER A 206 4.00 16.56 -3.67
N GLU A 207 4.13 15.55 -2.80
CA GLU A 207 3.76 14.20 -3.19
C GLU A 207 2.33 14.15 -3.73
N ALA A 208 2.10 13.30 -4.71
CA ALA A 208 0.77 12.90 -5.12
C ALA A 208 0.87 11.48 -5.66
N PHE A 209 -0.27 10.82 -5.75
CA PHE A 209 -0.35 9.53 -6.42
C PHE A 209 -1.01 9.71 -7.77
N LEU A 210 -0.23 9.50 -8.84
CA LEU A 210 -0.77 9.43 -10.21
C LEU A 210 -1.59 8.16 -10.37
N ILE A 211 -2.89 8.31 -10.51
CA ILE A 211 -3.82 7.19 -10.55
C ILE A 211 -4.34 7.05 -11.97
N GLY A 212 -4.08 5.89 -12.59
CA GLY A 212 -4.71 5.52 -13.84
C GLY A 212 -5.78 4.47 -13.55
N CYS A 213 -6.99 4.74 -14.02
CA CYS A 213 -8.13 3.92 -13.62
C CYS A 213 -8.69 3.23 -14.87
N ASN A 214 -8.68 1.87 -14.86
CA ASN A 214 -9.12 1.04 -15.99
C ASN A 214 -8.26 1.15 -17.27
N TYR A 215 -7.13 0.45 -17.28
CA TYR A 215 -6.20 0.41 -18.41
C TYR A 215 -6.87 -0.08 -19.70
N LEU A 216 -6.57 0.61 -20.81
CA LEU A 216 -7.17 0.29 -22.10
C LEU A 216 -6.17 -0.21 -23.13
N GLY A 217 -4.86 -0.14 -22.84
CA GLY A 217 -3.84 -0.66 -23.72
C GLY A 217 -3.53 0.18 -24.94
N LYS A 218 -4.21 1.30 -25.14
CA LYS A 218 -4.03 2.13 -26.31
C LYS A 218 -4.25 3.58 -25.88
N PRO A 219 -3.72 4.54 -26.63
CA PRO A 219 -3.97 5.95 -26.29
C PRO A 219 -5.46 6.27 -26.43
N ARG A 220 -6.03 6.78 -25.35
CA ARG A 220 -7.35 7.39 -25.45
C ARG A 220 -7.26 8.90 -25.61
N GLU A 221 -6.32 9.54 -24.93
CA GLU A 221 -5.93 10.94 -25.09
C GLU A 221 -4.44 10.97 -25.38
N GLN A 222 -4.02 12.00 -26.13
CA GLN A 222 -2.61 12.34 -26.18
C GLN A 222 -2.31 13.31 -25.05
N ILE A 223 -1.30 13.00 -24.25
CA ILE A 223 -0.94 13.81 -23.09
C ILE A 223 0.53 14.12 -23.18
N ASP A 224 0.87 15.40 -23.23
CA ASP A 224 2.27 15.81 -23.10
C ASP A 224 2.64 15.80 -21.61
N GLY A 225 3.54 14.90 -21.24
CA GLY A 225 3.84 14.71 -19.84
C GLY A 225 4.63 15.85 -19.22
N TYR A 226 5.39 16.59 -20.02
CA TYR A 226 6.03 17.80 -19.49
C TYR A 226 4.98 18.85 -19.14
N VAL A 227 4.03 19.10 -20.05
CA VAL A 227 2.96 20.06 -19.78
C VAL A 227 2.13 19.62 -18.58
N MET A 228 1.84 18.32 -18.48
CA MET A 228 0.89 17.89 -17.47
C MET A 228 1.50 17.99 -16.07
N HIS A 229 2.81 17.74 -15.93
CA HIS A 229 3.42 17.92 -14.62
C HIS A 229 3.49 19.39 -14.25
N ALA A 230 3.73 20.26 -15.23
CA ALA A 230 3.63 21.69 -14.98
C ALA A 230 2.23 22.09 -14.54
N ASN A 231 1.20 21.49 -15.16
CA ASN A 231 -0.17 21.75 -14.72
C ASN A 231 -0.37 21.28 -13.29
N TYR A 232 0.18 20.12 -12.94
CA TYR A 232 0.01 19.57 -11.62
C TYR A 232 0.63 20.51 -10.58
N ILE A 233 1.85 21.00 -10.85
CA ILE A 233 2.52 21.93 -9.95
C ILE A 233 1.73 23.23 -9.82
N PHE A 234 1.24 23.74 -10.94
CA PHE A 234 0.44 24.97 -10.90
C PHE A 234 -0.79 24.79 -10.02
N TRP A 235 -1.50 23.66 -10.19
CA TRP A 235 -2.62 23.37 -9.30
C TRP A 235 -2.18 23.38 -7.84
N ARG A 236 -1.14 22.61 -7.51
CA ARG A 236 -0.66 22.58 -6.13
C ARG A 236 -0.26 23.98 -5.65
N ASN A 237 0.42 24.76 -6.51
CA ASN A 237 0.89 26.09 -6.10
C ASN A 237 -0.25 27.05 -5.78
N THR A 238 -1.40 26.91 -6.43
CA THR A 238 -2.45 27.90 -6.29
C THR A 238 -3.63 27.39 -5.50
N ASN A 239 -3.52 26.19 -4.92
CA ASN A 239 -4.64 25.53 -4.23
C ASN A 239 -4.18 24.92 -2.93
N PRO A 240 -3.91 25.75 -1.93
CA PRO A 240 -3.51 25.21 -0.62
C PRO A 240 -4.53 24.20 -0.13
N ILE A 241 -4.06 23.02 0.28
CA ILE A 241 -4.95 21.98 0.79
C ILE A 241 -4.77 21.92 2.31
N GLN A 242 -5.88 22.05 3.03
CA GLN A 242 -5.86 22.03 4.48
C GLN A 242 -5.51 20.63 4.98
N LEU A 243 -4.44 20.53 5.75
CA LEU A 243 -4.05 19.25 6.33
C LEU A 243 -5.17 18.70 7.20
N SER A 244 -5.48 17.42 7.02
CA SER A 244 -6.55 16.88 7.82
C SER A 244 -6.39 15.37 7.94
N SER A 245 -6.72 14.83 9.11
CA SER A 245 -6.77 13.39 9.32
C SER A 245 -8.18 12.91 9.60
N TYR A 246 -9.18 13.74 9.27
CA TYR A 246 -10.57 13.46 9.67
CA TYR A 246 -10.54 13.44 9.70
C TYR A 246 -11.02 12.09 9.18
N SER A 247 -10.78 11.78 7.90
CA SER A 247 -11.33 10.55 7.34
C SER A 247 -10.75 9.31 8.00
N LEU A 248 -9.61 9.43 8.70
CA LEU A 248 -9.01 8.29 9.37
C LEU A 248 -9.90 7.73 10.47
N PHE A 249 -10.82 8.53 11.00
CA PHE A 249 -11.62 8.11 12.14
C PHE A 249 -12.89 7.37 11.75
N ASP A 250 -13.18 7.23 10.47
CA ASP A 250 -14.35 6.49 10.05
C ASP A 250 -13.90 5.41 9.06
N MET A 251 -13.72 4.21 9.60
CA MET A 251 -13.25 3.03 8.86
C MET A 251 -14.38 2.04 8.58
N SER A 252 -15.63 2.44 8.85
CA SER A 252 -16.74 1.50 8.75
C SER A 252 -16.95 1.02 7.31
N LYS A 253 -16.59 1.82 6.32
CA LYS A 253 -16.80 1.44 4.93
C LYS A 253 -15.49 1.26 4.17
N PHE A 254 -14.41 0.91 4.88
CA PHE A 254 -13.09 0.86 4.27
C PHE A 254 -12.88 -0.26 3.25
N PRO A 255 -13.30 -1.51 3.51
CA PRO A 255 -12.90 -2.61 2.62
C PRO A 255 -13.29 -2.39 1.17
N LEU A 256 -12.39 -2.74 0.27
CA LEU A 256 -12.68 -2.66 -1.15
C LEU A 256 -13.87 -3.57 -1.48
N LYS A 257 -14.83 -3.04 -2.21
CA LYS A 257 -16.07 -3.73 -2.50
C LYS A 257 -15.82 -4.90 -3.45
N LEU A 258 -16.19 -6.11 -3.00
CA LEU A 258 -15.96 -7.32 -3.80
C LEU A 258 -16.94 -7.32 -4.97
N ARG A 259 -16.46 -6.93 -6.15
CA ARG A 259 -17.32 -6.75 -7.31
C ARG A 259 -17.45 -8.00 -8.17
N GLY A 260 -16.64 -9.02 -7.94
CA GLY A 260 -16.68 -10.21 -8.76
C GLY A 260 -16.44 -9.95 -10.23
N THR A 261 -15.71 -8.89 -10.56
CA THR A 261 -15.54 -8.45 -11.93
C THR A 261 -15.07 -9.59 -12.83
N ALA A 262 -15.70 -9.72 -13.98
CA ALA A 262 -15.39 -10.81 -14.90
C ALA A 262 -13.97 -10.71 -15.40
N VAL A 263 -13.35 -11.88 -15.60
CA VAL A 263 -12.03 -12.02 -16.22
C VAL A 263 -12.19 -12.85 -17.49
N MET A 264 -11.64 -12.36 -18.59
CA MET A 264 -11.62 -13.08 -19.86
C MET A 264 -10.23 -13.05 -20.42
N SER A 265 -9.94 -14.03 -21.26
CA SER A 265 -8.68 -14.08 -21.97
C SER A 265 -8.97 -13.78 -23.44
N LEU A 266 -8.69 -12.55 -23.86
CA LEU A 266 -8.99 -12.09 -25.21
C LEU A 266 -7.71 -11.67 -25.90
N LYS A 267 -7.77 -11.64 -27.24
CA LYS A 267 -6.61 -11.46 -28.09
C LYS A 267 -6.72 -10.13 -28.81
N GLU A 268 -5.57 -9.47 -29.04
CA GLU A 268 -5.54 -8.03 -29.31
C GLU A 268 -6.49 -7.59 -30.44
N GLY A 269 -6.66 -8.41 -31.46
CA GLY A 269 -7.60 -8.05 -32.51
C GLY A 269 -9.06 -8.29 -32.20
N GLN A 270 -9.35 -8.79 -31.00
CA GLN A 270 -10.69 -9.25 -30.62
C GLN A 270 -11.34 -8.32 -29.59
N ILE A 271 -10.76 -7.14 -29.37
CA ILE A 271 -11.25 -6.18 -28.37
C ILE A 271 -12.11 -5.14 -29.08
N ASN A 272 -13.43 -5.24 -28.92
CA ASN A 272 -14.39 -4.36 -29.58
C ASN A 272 -14.32 -2.97 -28.99
N ASP A 273 -15.18 -2.09 -29.52
CA ASP A 273 -15.59 -0.94 -28.74
C ASP A 273 -16.54 -1.36 -27.64
N MET A 274 -17.24 -2.49 -27.80
CA MET A 274 -18.04 -3.02 -26.70
C MET A 274 -17.15 -3.45 -25.54
N ILE A 275 -16.05 -4.14 -25.85
CA ILE A 275 -15.10 -4.53 -24.80
C ILE A 275 -14.46 -3.29 -24.17
N LEU A 276 -13.88 -2.42 -25.01
CA LEU A 276 -13.31 -1.17 -24.53
C LEU A 276 -14.27 -0.44 -23.59
N SER A 277 -15.56 -0.48 -23.91
CA SER A 277 -16.54 0.22 -23.08
C SER A 277 -16.74 -0.50 -21.74
N LEU A 278 -16.75 -1.83 -21.75
CA LEU A 278 -16.82 -2.58 -20.50
C LEU A 278 -15.56 -2.37 -19.66
N LEU A 279 -14.39 -2.33 -20.31
CA LEU A 279 -13.16 -1.98 -19.61
C LEU A 279 -13.30 -0.63 -18.93
N SER A 280 -13.80 0.36 -19.68
CA SER A 280 -13.91 1.74 -19.17
C SER A 280 -14.81 1.83 -17.95
N LYS A 281 -15.75 0.90 -17.79
CA LYS A 281 -16.69 0.97 -16.69
C LYS A 281 -16.26 0.18 -15.46
N GLY A 282 -15.05 -0.40 -15.47
CA GLY A 282 -14.65 -1.21 -14.34
C GLY A 282 -15.38 -2.54 -14.26
N ARG A 283 -15.86 -3.06 -15.40
CA ARG A 283 -16.64 -4.28 -15.43
C ARG A 283 -15.93 -5.44 -16.09
N LEU A 284 -14.68 -5.28 -16.51
CA LEU A 284 -13.99 -6.34 -17.24
C LEU A 284 -12.49 -6.31 -16.96
N ILE A 285 -11.92 -7.48 -16.66
CA ILE A 285 -10.47 -7.68 -16.63
C ILE A 285 -10.09 -8.66 -17.74
N ILE A 286 -9.07 -8.31 -18.52
CA ILE A 286 -8.60 -9.15 -19.60
C ILE A 286 -7.17 -9.56 -19.29
N ARG A 287 -7.01 -10.84 -18.96
CA ARG A 287 -5.72 -11.46 -18.70
C ARG A 287 -5.95 -12.95 -18.60
N GLU A 288 -4.85 -13.71 -18.67
CA GLU A 288 -4.93 -15.12 -18.37
C GLU A 288 -5.18 -15.32 -16.88
N ASN A 289 -5.67 -16.49 -16.52
CA ASN A 289 -5.95 -16.79 -15.13
C ASN A 289 -5.13 -17.98 -14.64
N ASN A 290 -3.87 -18.04 -15.08
CA ASN A 290 -2.96 -19.12 -14.73
C ASN A 290 -2.44 -18.89 -13.29
N ARG A 291 -1.43 -19.67 -12.89
CA ARG A 291 -0.85 -19.46 -11.58
C ARG A 291 0.11 -18.27 -11.61
N VAL A 292 0.32 -17.68 -10.44
CA VAL A 292 1.15 -16.49 -10.30
C VAL A 292 2.59 -16.89 -9.97
N VAL A 293 3.52 -16.52 -10.84
CA VAL A 293 4.92 -16.87 -10.73
C VAL A 293 5.77 -15.62 -10.89
N ILE A 294 6.67 -15.38 -9.94
CA ILE A 294 7.47 -14.17 -9.91
C ILE A 294 8.92 -14.59 -9.64
N SER A 295 9.86 -13.72 -9.99
CA SER A 295 11.25 -14.04 -9.72
C SER A 295 12.04 -12.76 -9.64
N SER A 296 13.21 -12.85 -9.01
CA SER A 296 14.12 -11.73 -8.87
C SER A 296 15.44 -12.11 -9.53
N ASP A 297 15.89 -11.32 -10.51
CA ASP A 297 17.19 -11.57 -11.12
C ASP A 297 18.33 -11.28 -10.17
N VAL A 298 19.28 -12.21 -10.06
CA VAL A 298 20.41 -12.11 -9.15
C VAL A 298 21.69 -12.07 -9.98
N LEU A 299 22.46 -11.00 -9.81
CA LEU A 299 23.75 -10.87 -10.45
C LEU A 299 24.80 -11.58 -9.60
N VAL A 300 25.58 -12.46 -10.23
CA VAL A 300 26.63 -13.22 -9.56
C VAL A 300 27.96 -12.57 -9.92
N ASN A 301 28.66 -12.04 -8.90
CA ASN A 301 29.90 -11.26 -9.09
C ASN A 301 29.95 -10.38 -10.34
N CYS B 20 24.60 -32.47 18.85
CA CYS B 20 24.66 -31.05 19.18
C CYS B 20 23.28 -30.38 19.33
N ALA B 21 22.88 -30.16 20.58
CA ALA B 21 21.57 -29.61 20.91
C ALA B 21 21.55 -28.08 20.92
N PHE B 22 22.54 -27.41 20.34
CA PHE B 22 22.57 -25.95 20.37
C PHE B 22 21.46 -25.38 19.51
N ALA B 23 20.63 -24.55 20.12
CA ALA B 23 19.58 -23.80 19.43
C ALA B 23 19.52 -22.43 20.09
N VAL B 24 19.81 -21.39 19.31
CA VAL B 24 19.53 -20.02 19.74
C VAL B 24 18.12 -19.94 20.28
N ASP B 25 17.97 -19.32 21.46
CA ASP B 25 16.64 -19.20 22.11
C ASP B 25 16.27 -17.72 22.19
N ALA B 26 15.70 -17.20 21.11
CA ALA B 26 15.43 -15.76 21.04
C ALA B 26 14.26 -15.38 21.95
N ALA B 27 13.23 -16.22 21.99
CA ALA B 27 12.10 -15.99 22.89
C ALA B 27 12.59 -15.73 24.32
N LYS B 28 13.46 -16.62 24.82
CA LYS B 28 13.95 -16.46 26.17
C LYS B 28 14.90 -15.27 26.30
N ALA B 29 15.68 -14.98 25.27
CA ALA B 29 16.55 -13.81 25.33
C ALA B 29 15.75 -12.52 25.35
N TYR B 30 14.60 -12.50 24.66
CA TYR B 30 13.81 -11.28 24.64
C TYR B 30 13.11 -11.06 25.98
N LYS B 31 12.50 -12.12 26.52
CA LYS B 31 11.86 -12.02 27.84
C LYS B 31 12.86 -11.53 28.89
N ASP B 32 14.08 -12.08 28.89
CA ASP B 32 15.08 -11.61 29.86
C ASP B 32 15.51 -10.19 29.58
N TYR B 33 15.56 -9.80 28.30
CA TYR B 33 15.84 -8.40 27.98
C TYR B 33 14.77 -7.48 28.55
N LEU B 34 13.49 -7.89 28.45
CA LEU B 34 12.41 -7.08 29.02
C LEU B 34 12.53 -6.99 30.53
N ALA B 35 12.74 -8.13 31.18
CA ALA B 35 12.84 -8.18 32.64
C ALA B 35 13.95 -7.26 33.15
N SER B 36 15.11 -7.28 32.48
CA SER B 36 16.20 -6.37 32.81
C SER B 36 15.83 -4.91 32.68
N GLY B 37 14.64 -4.60 32.17
CA GLY B 37 14.25 -3.22 31.95
C GLY B 37 14.59 -2.66 30.59
N GLY B 38 14.63 -3.49 29.55
CA GLY B 38 14.94 -3.02 28.20
C GLY B 38 13.72 -2.54 27.44
N GLN B 39 13.93 -1.52 26.61
CA GLN B 39 12.81 -0.92 25.88
C GLN B 39 12.28 -1.89 24.82
N PRO B 40 10.98 -2.17 24.80
CA PRO B 40 10.43 -3.18 23.87
C PRO B 40 10.67 -2.86 22.40
N ILE B 41 10.52 -3.91 21.57
CA ILE B 41 10.61 -3.73 20.12
C ILE B 41 9.54 -2.74 19.66
N THR B 42 9.97 -1.75 18.88
CA THR B 42 9.12 -0.67 18.39
C THR B 42 8.76 -0.88 16.92
N ASN B 43 8.01 0.09 16.39
CA ASN B 43 7.61 0.18 14.98
C ASN B 43 6.73 -0.99 14.55
N CYS B 44 6.05 -1.63 15.49
CA CYS B 44 4.95 -2.51 15.12
C CYS B 44 3.89 -1.69 14.37
N VAL B 45 3.24 -2.31 13.38
CA VAL B 45 2.41 -1.56 12.43
C VAL B 45 0.97 -1.55 12.95
N LYS B 46 0.58 -0.42 13.55
CA LYS B 46 -0.77 -0.28 14.09
C LYS B 46 -1.73 0.17 13.01
N MET B 47 -2.88 -0.50 12.94
CA MET B 47 -3.87 -0.27 11.89
C MET B 47 -4.93 0.71 12.36
N LEU B 48 -5.53 1.42 11.40
CA LEU B 48 -6.76 2.13 11.67
C LEU B 48 -7.90 1.14 11.51
N CYS B 49 -8.84 1.13 12.45
CA CYS B 49 -10.00 0.26 12.35
C CYS B 49 -11.11 0.85 13.19
N THR B 50 -12.31 0.25 13.10
CA THR B 50 -13.49 0.74 13.83
C THR B 50 -13.36 0.55 15.34
N HIS B 51 -12.64 -0.47 15.79
CA HIS B 51 -12.64 -0.91 17.18
C HIS B 51 -14.01 -1.40 17.63
N THR B 52 -14.79 -1.91 16.68
CA THR B 52 -16.04 -2.61 16.99
C THR B 52 -15.97 -4.05 16.51
N GLY B 53 -14.77 -4.64 16.54
CA GLY B 53 -14.55 -5.96 15.98
C GLY B 53 -14.71 -7.06 17.00
N THR B 54 -14.59 -8.31 16.51
CA THR B 54 -14.88 -9.47 17.36
C THR B 54 -13.93 -9.60 18.55
N GLY B 55 -12.81 -8.90 18.55
CA GLY B 55 -11.90 -9.03 19.67
C GLY B 55 -11.01 -10.26 19.67
N GLN B 56 -11.17 -11.19 18.71
CA GLN B 56 -10.33 -12.38 18.64
C GLN B 56 -8.85 -12.03 18.42
N ALA B 57 -7.99 -13.02 18.66
CA ALA B 57 -6.56 -12.74 18.82
C ALA B 57 -5.87 -12.52 17.48
N ILE B 58 -6.02 -13.45 16.53
CA ILE B 58 -5.32 -13.38 15.26
C ILE B 58 -6.33 -13.62 14.15
N THR B 59 -6.49 -12.63 13.26
CA THR B 59 -7.62 -12.60 12.34
C THR B 59 -7.16 -12.17 10.96
N VAL B 60 -8.01 -12.37 9.96
CA VAL B 60 -7.63 -12.07 8.58
C VAL B 60 -7.77 -10.58 8.24
N THR B 61 -8.50 -9.81 9.00
CA THR B 61 -8.56 -8.36 8.84
C THR B 61 -8.63 -7.79 10.25
N PRO B 62 -8.29 -6.50 10.43
CA PRO B 62 -8.31 -5.93 11.79
C PRO B 62 -9.62 -6.19 12.51
N GLU B 63 -9.50 -6.54 13.79
CA GLU B 63 -10.66 -7.06 14.50
C GLU B 63 -10.71 -6.55 15.93
N ALA B 64 -9.97 -5.49 16.26
CA ALA B 64 -9.93 -4.96 17.60
C ALA B 64 -11.31 -4.52 18.09
N ASN B 65 -11.55 -4.70 19.38
CA ASN B 65 -12.72 -4.18 20.09
C ASN B 65 -12.35 -2.87 20.78
N MET B 66 -13.21 -2.43 21.70
CA MET B 66 -12.99 -1.11 22.31
C MET B 66 -11.70 -1.06 23.12
N ASP B 67 -11.24 -2.19 23.64
CA ASP B 67 -10.05 -2.19 24.50
C ASP B 67 -8.83 -2.81 23.81
N GLN B 68 -8.84 -2.93 22.49
CA GLN B 68 -7.75 -3.57 21.78
C GLN B 68 -7.23 -2.66 20.67
N GLU B 69 -5.96 -2.83 20.33
CA GLU B 69 -5.39 -2.26 19.11
C GLU B 69 -5.08 -3.40 18.15
N SER B 70 -5.21 -3.11 16.86
CA SER B 70 -4.93 -4.09 15.81
C SER B 70 -3.61 -3.76 15.12
N PHE B 71 -2.77 -4.78 14.95
CA PHE B 71 -1.48 -4.59 14.29
C PHE B 71 -1.31 -5.58 13.16
N GLY B 72 -0.53 -5.19 12.16
CA GLY B 72 -0.09 -6.12 11.13
C GLY B 72 0.77 -7.21 11.72
N GLY B 73 0.46 -8.47 11.40
CA GLY B 73 1.04 -9.63 12.06
C GLY B 73 2.55 -9.71 12.00
N ALA B 74 3.12 -9.70 10.79
CA ALA B 74 4.57 -9.82 10.64
C ALA B 74 5.32 -8.87 11.57
N SER B 75 4.83 -7.63 11.72
CA SER B 75 5.57 -6.63 12.48
C SER B 75 5.58 -6.89 13.98
N CYS B 76 4.74 -7.80 14.48
CA CYS B 76 4.70 -8.19 15.87
C CYS B 76 5.30 -9.56 16.14
N CYS B 77 5.87 -10.21 15.13
CA CYS B 77 6.48 -11.52 15.29
C CYS B 77 7.96 -11.38 15.62
N LEU B 78 8.37 -11.83 16.81
CA LEU B 78 9.78 -11.77 17.20
C LEU B 78 10.68 -12.37 16.13
N TYR B 79 10.27 -13.49 15.54
CA TYR B 79 11.14 -14.19 14.60
C TYR B 79 11.25 -13.45 13.27
N CYS B 80 10.10 -13.05 12.72
CA CYS B 80 10.07 -12.14 11.58
C CYS B 80 10.97 -10.93 11.81
N ARG B 81 10.81 -10.25 12.96
CA ARG B 81 11.47 -8.97 13.19
C ARG B 81 12.98 -9.12 13.37
N CYS B 82 13.43 -10.25 13.92
CA CYS B 82 14.85 -10.46 14.17
C CYS B 82 15.56 -11.18 13.03
N HIS B 83 14.85 -11.55 11.97
CA HIS B 83 15.42 -12.31 10.86
C HIS B 83 16.06 -13.59 11.37
N ILE B 84 15.26 -14.39 12.09
CA ILE B 84 15.68 -15.68 12.60
C ILE B 84 14.57 -16.68 12.31
N ASP B 85 14.91 -17.97 12.42
CA ASP B 85 13.98 -19.00 12.02
C ASP B 85 12.84 -19.11 13.03
N HIS B 86 11.72 -19.65 12.56
CA HIS B 86 10.53 -19.84 13.40
C HIS B 86 10.61 -21.20 14.09
N PRO B 87 10.30 -21.27 15.38
CA PRO B 87 10.53 -22.50 16.18
C PRO B 87 9.45 -23.57 16.04
N ASN B 88 9.53 -24.27 14.92
CA ASN B 88 8.77 -25.49 14.66
C ASN B 88 9.31 -26.09 13.36
N PRO B 89 9.09 -27.41 13.12
CA PRO B 89 9.80 -28.09 12.01
C PRO B 89 9.62 -27.42 10.64
N LYS B 90 8.39 -27.33 10.17
CA LYS B 90 8.05 -26.42 9.08
C LYS B 90 8.42 -24.99 9.51
N GLY B 91 8.74 -24.14 8.53
CA GLY B 91 9.24 -22.83 8.95
C GLY B 91 8.20 -21.81 9.37
N PHE B 92 6.99 -22.27 9.70
CA PHE B 92 5.76 -21.49 9.51
C PHE B 92 5.54 -20.41 10.58
N CYS B 93 4.99 -19.27 10.15
CA CYS B 93 4.63 -18.15 11.03
C CYS B 93 3.13 -17.95 11.00
N ASP B 94 2.50 -17.97 12.17
CA ASP B 94 1.04 -17.83 12.25
C ASP B 94 0.60 -16.37 12.46
N LEU B 95 1.54 -15.43 12.44
CA LEU B 95 1.21 -14.01 12.53
C LEU B 95 1.28 -13.31 11.18
N LYS B 96 2.23 -13.71 10.34
CA LYS B 96 2.48 -13.03 9.08
C LYS B 96 1.29 -13.09 8.15
N GLY B 97 0.88 -11.95 7.63
CA GLY B 97 -0.23 -11.88 6.70
C GLY B 97 -1.59 -11.82 7.36
N LYS B 98 -1.64 -11.78 8.69
CA LYS B 98 -2.85 -11.60 9.45
C LYS B 98 -2.70 -10.35 10.33
N TYR B 99 -3.67 -10.15 11.20
CA TYR B 99 -3.67 -9.02 12.12
C TYR B 99 -3.80 -9.57 13.53
N VAL B 100 -3.05 -8.99 14.45
CA VAL B 100 -3.05 -9.45 15.83
C VAL B 100 -3.65 -8.34 16.68
N GLN B 101 -4.63 -8.71 17.50
CA GLN B 101 -5.27 -7.80 18.43
C GLN B 101 -4.51 -7.83 19.74
N ILE B 102 -4.11 -6.65 20.22
CA ILE B 102 -3.32 -6.51 21.43
C ILE B 102 -4.14 -5.67 22.41
N PRO B 103 -4.37 -6.14 23.63
CA PRO B 103 -4.98 -5.30 24.65
C PRO B 103 -4.32 -3.94 24.69
N THR B 104 -5.15 -2.89 24.77
CA THR B 104 -4.63 -1.54 24.68
C THR B 104 -3.60 -1.26 25.75
N THR B 105 -3.76 -1.85 26.93
CA THR B 105 -2.81 -1.63 28.02
C THR B 105 -1.46 -2.31 27.78
N CYS B 106 -1.39 -3.26 26.85
CA CYS B 106 -0.13 -3.91 26.51
C CYS B 106 0.42 -3.49 25.15
N ALA B 107 -0.22 -2.51 24.48
CA ALA B 107 0.18 -2.25 23.11
C ALA B 107 1.53 -1.55 23.01
N ASN B 108 2.16 -1.18 24.14
CA ASN B 108 3.54 -0.68 24.08
C ASN B 108 4.55 -1.78 23.75
N ASP B 109 4.14 -3.04 23.70
CA ASP B 109 5.05 -4.17 23.43
C ASP B 109 4.28 -5.31 22.80
N PRO B 110 3.82 -5.13 21.56
CA PRO B 110 3.09 -6.24 20.91
C PRO B 110 3.92 -7.50 20.75
N VAL B 111 5.22 -7.37 20.43
CA VAL B 111 6.06 -8.55 20.29
C VAL B 111 6.11 -9.32 21.60
N GLY B 112 6.40 -8.63 22.70
CA GLY B 112 6.35 -9.28 24.00
C GLY B 112 5.02 -9.93 24.28
N PHE B 113 3.92 -9.24 23.97
CA PHE B 113 2.61 -9.78 24.27
C PHE B 113 2.36 -11.09 23.53
N THR B 114 2.60 -11.11 22.21
CA THR B 114 2.29 -12.32 21.45
C THR B 114 3.16 -13.49 21.86
N LEU B 115 4.39 -13.22 22.31
CA LEU B 115 5.27 -14.27 22.82
C LEU B 115 4.71 -14.89 24.09
N LYS B 116 4.34 -14.04 25.06
CA LYS B 116 4.00 -14.49 26.40
C LYS B 116 2.59 -15.05 26.52
N ASN B 117 1.77 -14.98 25.49
CA ASN B 117 0.36 -15.34 25.65
C ASN B 117 -0.03 -16.42 24.64
N THR B 118 -1.20 -16.99 24.88
CA THR B 118 -1.69 -18.13 24.13
C THR B 118 -3.11 -17.87 23.69
N VAL B 119 -3.43 -18.37 22.50
CA VAL B 119 -4.74 -18.21 21.90
C VAL B 119 -5.59 -19.43 22.22
N CYS B 120 -6.71 -19.22 22.91
CA CYS B 120 -7.67 -20.29 23.14
C CYS B 120 -8.13 -20.93 21.84
N THR B 121 -8.00 -22.25 21.75
CA THR B 121 -8.23 -22.98 20.51
C THR B 121 -9.71 -23.19 20.19
N VAL B 122 -10.64 -22.81 21.07
CA VAL B 122 -12.07 -22.98 20.80
C VAL B 122 -12.76 -21.65 20.54
N CYS B 123 -12.48 -20.61 21.33
CA CYS B 123 -13.16 -19.34 21.11
C CYS B 123 -12.35 -18.32 20.30
N GLY B 124 -11.03 -18.54 20.14
CA GLY B 124 -10.19 -17.65 19.36
C GLY B 124 -9.66 -16.43 20.09
N MET B 125 -10.04 -16.24 21.36
CA MET B 125 -9.58 -15.11 22.16
C MET B 125 -8.26 -15.43 22.84
N TRP B 126 -7.63 -14.39 23.38
CA TRP B 126 -6.46 -14.58 24.21
C TRP B 126 -6.86 -15.17 25.55
N LYS B 127 -6.20 -16.27 25.95
CA LYS B 127 -6.39 -16.82 27.28
C LYS B 127 -6.09 -15.74 28.31
N GLY B 128 -7.07 -15.43 29.15
CA GLY B 128 -6.89 -14.41 30.15
C GLY B 128 -7.10 -12.99 29.67
N TYR B 129 -7.50 -12.80 28.42
CA TYR B 129 -7.75 -11.46 27.88
C TYR B 129 -8.95 -11.50 26.95
N GLY B 130 -10.02 -12.15 27.38
CA GLY B 130 -11.19 -12.23 26.55
C GLY B 130 -11.73 -13.64 26.44
N CYS B 131 -10.89 -14.65 26.67
CA CYS B 131 -11.40 -16.01 26.65
C CYS B 131 -12.23 -16.27 27.90
N SER B 132 -13.48 -16.71 27.70
CA SER B 132 -14.42 -16.94 28.79
C SER B 132 -14.79 -18.42 28.93
N CYS B 133 -14.03 -19.31 28.30
CA CYS B 133 -14.43 -20.71 28.20
C CYS B 133 -14.27 -21.48 29.51
N ASP B 134 -13.52 -20.94 30.48
CA ASP B 134 -13.22 -21.64 31.72
C ASP B 134 -14.07 -21.17 32.90
N GLN B 135 -15.01 -20.26 32.66
CA GLN B 135 -15.83 -19.67 33.73
C GLN B 135 -16.62 -20.71 34.53
#